data_8IND
#
_entry.id   8IND
#
_cell.length_a   45.995
_cell.length_b   52.911
_cell.length_c   201.119
_cell.angle_alpha   90.00
_cell.angle_beta   90.00
_cell.angle_gamma   90.00
#
_symmetry.space_group_name_H-M   'P 21 21 21'
#
loop_
_entity.id
_entity.type
_entity.pdbx_description
1 polymer Glycosyltransferase
2 non-polymer 5-[(1R,2S,4R,6R,7R,10S,11S,14S,16R)-14-hydroxy-7,11-dimethyl-3-oxapentacyclo[8.8.0.02,4.02,7.011,16]octadecan-6-yl]pyran-2-one
3 non-polymer "URIDINE-5'-DIPHOSPHATE"
4 non-polymer 2-AMINO-2-HYDROXYMETHYL-PROPANE-1,3-DIOL
5 water water
#
_entity_poly.entity_id   1
_entity_poly.type   'polypeptide(L)'
_entity_poly.pdbx_seq_one_letter_code
;MTPIHILAFPFPAKGHINPLLHLCNRLASKGFKITLITTVSTLKSVKTSKANGIDIESIPDGIPQEQNHQIITVMEMNME
LYFKQFKASAIENTTKLIQKLKTKNPLPKVLIYDSSMPWILEVAHEQGLLGASFFTQPCSVSAIYYHMLQGTIKLPLENS
ENGMVSLPYLPLLEIKDLPGVQQFEDNSEAVAELLADQFSNIDDVDYVLFNTFDALEIEVVNWMGSKWPILTVGPTAPTS
MFFLDKKQKNYEDGRSINYLFETNTEVCMKWLDQREIDTVIYVSFGSLASLTEEQMEQVSQALIRSNCYFLWVVREEEEN
KLPKDFKETTSKKKGLVINWCPQLDVLAHKSVACFMTHCGWNSTLEALCSGVPMICMPQWADQTTNAKLIEHVWKIGVGV
NKSDENGIVKREEIEDCIRQVIESERGKELKRNAIKWKELAKEAVSEGGSSCNNIQEFSSSLLFN
;
_entity_poly.pdbx_strand_id   A
#
loop_
_chem_comp.id
_chem_comp.type
_chem_comp.name
_chem_comp.formula
6JI non-polymer 5-[(1R,2S,4R,6R,7R,10S,11S,14S,16R)-14-hydroxy-7,11-dimethyl-3-oxapentacyclo[8.8.0.02,4.02,7.011,16]octadecan-6-yl]pyran-2-one 'C24 H32 O4'
TRS non-polymer 2-AMINO-2-HYDROXYMETHYL-PROPANE-1,3-DIOL 'C4 H12 N O3 1'
UDP RNA linking URIDINE-5'-DIPHOSPHATE 'C9 H14 N2 O12 P2'
#
# COMPACT_ATOMS: atom_id res chain seq x y z
N ILE A 4 19.94 -18.75 -6.14
CA ILE A 4 20.31 -17.47 -5.53
C ILE A 4 19.31 -17.16 -4.44
N HIS A 5 19.84 -16.78 -3.27
CA HIS A 5 19.06 -16.59 -2.05
C HIS A 5 18.87 -15.09 -1.79
N ILE A 6 17.62 -14.64 -1.80
CA ILE A 6 17.24 -13.25 -1.57
C ILE A 6 16.62 -13.14 -0.19
N LEU A 7 17.06 -12.15 0.58
CA LEU A 7 16.43 -11.79 1.83
C LEU A 7 15.51 -10.61 1.59
N ALA A 8 14.38 -10.59 2.29
CA ALA A 8 13.38 -9.53 2.15
C ALA A 8 12.94 -9.05 3.54
N PHE A 9 12.97 -7.74 3.76
CA PHE A 9 12.68 -7.15 5.07
C PHE A 9 11.74 -5.97 4.93
N PRO A 10 10.42 -6.21 5.00
CA PRO A 10 9.45 -5.11 4.95
C PRO A 10 9.34 -4.35 6.26
N PHE A 11 8.94 -3.09 6.16
CA PHE A 11 8.48 -2.37 7.35
C PHE A 11 7.27 -3.12 7.93
N PRO A 12 7.16 -3.20 9.26
CA PRO A 12 6.13 -4.07 9.90
C PRO A 12 4.73 -3.48 9.84
N ALA A 13 4.16 -3.40 8.63
CA ALA A 13 2.77 -3.01 8.46
C ALA A 13 2.27 -3.60 7.15
N LYS A 14 0.96 -3.83 7.06
CA LYS A 14 0.44 -4.63 5.94
C LYS A 14 0.67 -3.97 4.58
N GLY A 15 0.57 -2.65 4.48
CA GLY A 15 0.86 -2.00 3.21
C GLY A 15 2.32 -2.03 2.80
N HIS A 16 3.21 -2.50 3.67
CA HIS A 16 4.61 -2.68 3.33
C HIS A 16 4.97 -4.14 3.14
N ILE A 17 4.46 -5.01 4.01
CA ILE A 17 4.63 -6.45 3.87
C ILE A 17 4.05 -6.94 2.54
N ASN A 18 2.78 -6.58 2.26
CA ASN A 18 2.10 -7.21 1.12
C ASN A 18 2.77 -6.93 -0.22
N PRO A 19 3.09 -5.69 -0.60
CA PRO A 19 3.72 -5.50 -1.92
C PRO A 19 5.08 -6.17 -2.01
N LEU A 20 5.83 -6.22 -0.93
CA LEU A 20 7.09 -6.95 -0.95
C LEU A 20 6.86 -8.45 -1.04
N LEU A 21 5.89 -8.98 -0.29
CA LEU A 21 5.54 -10.40 -0.44
C LEU A 21 5.23 -10.75 -1.90
N HIS A 22 4.43 -9.92 -2.59
CA HIS A 22 4.10 -10.23 -3.98
C HIS A 22 5.33 -10.21 -4.87
N LEU A 23 6.25 -9.28 -4.64
CA LEU A 23 7.50 -9.29 -5.39
C LEU A 23 8.30 -10.57 -5.09
N CYS A 24 8.34 -10.97 -3.83
CA CYS A 24 9.02 -12.23 -3.47
C CYS A 24 8.41 -13.42 -4.18
N ASN A 25 7.08 -13.45 -4.30
CA ASN A 25 6.45 -14.57 -4.98
C ASN A 25 6.85 -14.62 -6.45
N ARG A 26 6.94 -13.46 -7.11
CA ARG A 26 7.39 -13.41 -8.50
C ARG A 26 8.83 -13.87 -8.62
N LEU A 27 9.67 -13.46 -7.68
CA LEU A 27 11.06 -13.89 -7.72
C LEU A 27 11.19 -15.39 -7.46
N ALA A 28 10.39 -15.92 -6.53
CA ALA A 28 10.44 -17.35 -6.26
C ALA A 28 9.98 -18.15 -7.47
N SER A 29 9.08 -17.58 -8.28
CA SER A 29 8.65 -18.22 -9.51
C SER A 29 9.76 -18.30 -10.54
N LYS A 30 10.74 -17.40 -10.46
CA LYS A 30 11.90 -17.44 -11.34
C LYS A 30 13.06 -18.25 -10.76
N GLY A 31 12.83 -18.97 -9.66
CA GLY A 31 13.81 -19.90 -9.13
C GLY A 31 14.61 -19.40 -7.95
N PHE A 32 14.40 -18.16 -7.49
CA PHE A 32 15.16 -17.65 -6.35
C PHE A 32 14.65 -18.24 -5.04
N LYS A 33 15.57 -18.50 -4.11
CA LYS A 33 15.15 -18.78 -2.75
C LYS A 33 14.90 -17.48 -2.01
N ILE A 34 13.84 -17.44 -1.22
CA ILE A 34 13.42 -16.24 -0.51
C ILE A 34 13.36 -16.53 0.97
N THR A 35 13.93 -15.64 1.77
CA THR A 35 13.67 -15.63 3.21
C THR A 35 13.04 -14.29 3.54
N LEU A 36 11.85 -14.33 4.12
CA LEU A 36 11.12 -13.13 4.50
C LEU A 36 11.35 -12.89 5.97
N ILE A 37 11.81 -11.69 6.32
CA ILE A 37 12.16 -11.35 7.69
C ILE A 37 11.02 -10.54 8.29
N THR A 38 10.39 -11.07 9.35
CA THR A 38 9.26 -10.42 9.98
C THR A 38 9.51 -10.24 11.47
N THR A 39 8.85 -9.25 12.04
CA THR A 39 8.86 -9.11 13.48
C THR A 39 7.96 -10.18 14.11
N VAL A 40 8.21 -10.44 15.39
CA VAL A 40 7.33 -11.34 16.15
C VAL A 40 5.89 -10.85 16.10
N SER A 41 5.69 -9.53 16.17
CA SER A 41 4.33 -9.00 16.17
C SER A 41 3.63 -9.30 14.84
N THR A 42 4.36 -9.21 13.72
CA THR A 42 3.78 -9.57 12.43
C THR A 42 3.46 -11.07 12.37
N LEU A 43 4.37 -11.91 12.88
CA LEU A 43 4.17 -13.37 12.81
C LEU A 43 2.94 -13.81 13.59
N LYS A 44 2.57 -13.06 14.62
CA LYS A 44 1.40 -13.41 15.41
C LYS A 44 0.13 -13.36 14.57
N SER A 45 0.09 -12.48 13.55
CA SER A 45 -1.05 -12.37 12.65
C SER A 45 -0.95 -13.30 11.45
N VAL A 46 0.20 -13.94 11.24
CA VAL A 46 0.38 -14.78 10.06
C VAL A 46 -0.35 -16.09 10.30
N LYS A 47 -1.30 -16.42 9.43
CA LYS A 47 -2.11 -17.61 9.59
C LYS A 47 -1.85 -18.68 8.53
N THR A 48 -1.33 -18.29 7.36
CA THR A 48 -1.14 -19.20 6.24
C THR A 48 0.21 -18.90 5.59
N SER A 49 1.10 -19.87 5.54
CA SER A 49 2.37 -19.60 4.86
C SER A 49 2.96 -20.87 4.28
N LYS A 50 2.40 -22.03 4.64
CA LYS A 50 2.92 -23.30 4.14
C LYS A 50 2.98 -23.32 2.61
N ALA A 51 1.95 -22.81 1.95
CA ALA A 51 1.89 -22.86 0.49
C ALA A 51 2.92 -21.98 -0.22
N ASN A 52 3.42 -20.92 0.45
CA ASN A 52 4.40 -20.04 -0.20
C ASN A 52 5.68 -20.77 -0.58
N GLY A 53 6.12 -21.69 0.27
CA GLY A 53 7.48 -22.17 0.18
C GLY A 53 8.54 -21.18 0.61
N ILE A 54 8.21 -19.89 0.75
CA ILE A 54 9.14 -18.91 1.30
C ILE A 54 9.40 -19.21 2.78
N ASP A 55 10.67 -19.12 3.18
CA ASP A 55 11.02 -19.28 4.58
C ASP A 55 10.71 -17.99 5.33
N ILE A 56 10.10 -18.10 6.50
CA ILE A 56 9.86 -16.93 7.35
C ILE A 56 10.79 -17.02 8.54
N GLU A 57 11.60 -15.98 8.74
CA GLU A 57 12.47 -15.88 9.90
C GLU A 57 12.06 -14.66 10.71
N SER A 58 11.85 -14.84 12.00
CA SER A 58 11.39 -13.74 12.83
C SER A 58 12.53 -13.07 13.59
N ILE A 59 12.35 -11.79 13.85
CA ILE A 59 13.24 -10.99 14.71
C ILE A 59 12.35 -10.38 15.78
N PRO A 60 12.94 -10.01 16.93
CA PRO A 60 12.15 -9.33 17.97
C PRO A 60 11.55 -8.02 17.45
N ASP A 61 10.45 -7.61 18.09
CA ASP A 61 9.86 -6.33 17.73
C ASP A 61 10.83 -5.19 17.99
N GLY A 62 11.59 -5.29 19.09
CA GLY A 62 12.57 -4.29 19.41
C GLY A 62 12.04 -3.05 20.10
N ILE A 63 10.74 -2.99 20.38
CA ILE A 63 10.13 -1.94 21.19
C ILE A 63 9.17 -2.66 22.13
N PRO A 64 8.60 -2.00 23.14
CA PRO A 64 7.75 -2.72 24.11
C PRO A 64 6.51 -3.34 23.50
N GLN A 65 6.03 -4.40 24.13
CA GLN A 65 4.81 -5.10 23.73
C GLN A 65 3.64 -4.67 24.62
N GLU A 66 2.46 -4.50 24.00
CA GLU A 66 1.27 -4.06 24.71
C GLU A 66 0.10 -4.98 24.37
N GLN A 70 -0.39 -4.44 18.28
CA GLN A 70 0.68 -4.66 17.32
C GLN A 70 1.86 -3.74 17.63
N ILE A 71 2.98 -4.02 16.96
CA ILE A 71 4.14 -3.14 17.05
C ILE A 71 3.80 -1.72 16.57
N ILE A 72 2.92 -1.59 15.58
CA ILE A 72 2.61 -0.28 15.03
C ILE A 72 1.90 0.59 16.05
N THR A 73 0.99 0.00 16.81
CA THR A 73 0.25 0.84 17.75
C THR A 73 1.10 1.21 18.95
N VAL A 74 2.23 0.52 19.16
CA VAL A 74 3.22 0.98 20.11
C VAL A 74 3.99 2.17 19.54
N MET A 75 4.45 2.07 18.28
CA MET A 75 5.14 3.21 17.65
C MET A 75 4.36 4.50 17.75
N GLU A 76 3.03 4.43 17.55
CA GLU A 76 2.28 5.68 17.48
C GLU A 76 2.26 6.39 18.82
N MET A 77 2.47 5.65 19.92
CA MET A 77 2.55 6.26 21.24
C MET A 77 3.67 7.31 21.31
N ASN A 78 4.76 7.10 20.58
CA ASN A 78 5.92 8.00 20.56
C ASN A 78 6.75 7.62 19.33
N MET A 79 6.38 8.20 18.18
CA MET A 79 7.00 7.79 16.92
C MET A 79 8.49 8.13 16.92
N GLU A 80 8.86 9.32 17.39
CA GLU A 80 10.24 9.75 17.31
C GLU A 80 11.16 8.80 18.09
N LEU A 81 10.75 8.43 19.31
CA LEU A 81 11.58 7.53 20.12
C LEU A 81 11.46 6.08 19.66
N TYR A 82 10.23 5.62 19.39
CA TYR A 82 10.05 4.18 19.15
C TYR A 82 10.49 3.79 17.74
N PHE A 83 10.42 4.70 16.77
CA PHE A 83 10.99 4.37 15.48
C PHE A 83 12.51 4.22 15.60
N LYS A 84 13.14 5.06 16.43
CA LYS A 84 14.58 4.96 16.62
C LYS A 84 14.98 3.73 17.43
N GLN A 85 14.16 3.35 18.42
CA GLN A 85 14.41 2.08 19.12
C GLN A 85 14.18 0.90 18.19
N PHE A 86 13.11 0.94 17.39
CA PHE A 86 12.89 -0.10 16.39
C PHE A 86 14.09 -0.23 15.45
N LYS A 87 14.61 0.90 14.99
CA LYS A 87 15.77 0.92 14.09
C LYS A 87 16.98 0.25 14.74
N ALA A 88 17.35 0.68 15.94
CA ALA A 88 18.53 0.12 16.59
C ALA A 88 18.37 -1.38 16.82
N SER A 89 17.18 -1.82 17.26
CA SER A 89 16.99 -3.26 17.44
C SER A 89 17.02 -4.01 16.12
N ALA A 90 16.41 -3.43 15.07
CA ALA A 90 16.40 -4.12 13.78
C ALA A 90 17.81 -4.26 13.22
N ILE A 91 18.65 -3.26 13.44
CA ILE A 91 20.03 -3.31 12.97
C ILE A 91 20.76 -4.46 13.66
N GLU A 92 20.61 -4.56 14.97
CA GLU A 92 21.28 -5.64 15.71
C GLU A 92 20.71 -7.01 15.32
N ASN A 93 19.39 -7.13 15.26
CA ASN A 93 18.80 -8.46 15.09
C ASN A 93 18.84 -8.95 13.65
N THR A 94 18.77 -8.04 12.66
CA THR A 94 18.99 -8.51 11.29
C THR A 94 20.45 -8.88 11.07
N THR A 95 21.38 -8.17 11.74
CA THR A 95 22.78 -8.59 11.67
C THR A 95 22.96 -10.00 12.21
N LYS A 96 22.39 -10.29 13.39
CA LYS A 96 22.50 -11.64 13.97
C LYS A 96 21.87 -12.68 13.07
N LEU A 97 20.70 -12.39 12.50
CA LEU A 97 20.04 -13.33 11.63
C LEU A 97 20.86 -13.59 10.37
N ILE A 98 21.43 -12.53 9.78
CA ILE A 98 22.22 -12.74 8.56
C ILE A 98 23.49 -13.53 8.88
N GLN A 99 24.11 -13.27 10.03
CA GLN A 99 25.27 -14.07 10.41
C GLN A 99 24.92 -15.57 10.46
N LYS A 100 23.74 -15.90 10.97
CA LYS A 100 23.28 -17.29 11.03
C LYS A 100 22.97 -17.84 9.65
N LEU A 101 22.29 -17.04 8.81
CA LEU A 101 21.98 -17.49 7.45
C LEU A 101 23.25 -17.74 6.64
N LYS A 102 24.34 -17.07 6.99
CA LYS A 102 25.61 -17.29 6.32
C LYS A 102 26.29 -18.59 6.73
N THR A 103 25.71 -19.39 7.62
CA THR A 103 26.19 -20.73 7.89
C THR A 103 25.44 -21.80 7.08
N LYS A 104 24.55 -21.41 6.19
CA LYS A 104 23.71 -22.35 5.47
C LYS A 104 23.77 -22.08 3.97
N ASN A 105 23.74 -23.14 3.18
CA ASN A 105 23.59 -22.96 1.74
C ASN A 105 22.14 -23.09 1.33
N PRO A 106 21.67 -22.32 0.35
CA PRO A 106 22.41 -21.31 -0.41
C PRO A 106 22.64 -20.04 0.41
N LEU A 107 23.82 -19.47 0.27
CA LEU A 107 24.16 -18.26 1.02
C LEU A 107 23.33 -17.07 0.53
N PRO A 108 22.92 -16.17 1.42
CA PRO A 108 22.23 -14.96 0.98
C PRO A 108 23.14 -14.07 0.13
N LYS A 109 22.54 -13.41 -0.87
CA LYS A 109 23.28 -12.57 -1.81
C LYS A 109 22.81 -11.13 -1.84
N VAL A 110 21.52 -10.88 -1.59
CA VAL A 110 20.95 -9.54 -1.66
C VAL A 110 19.89 -9.44 -0.56
N LEU A 111 19.76 -8.25 -0.03
CA LEU A 111 18.72 -7.92 0.94
C LEU A 111 17.85 -6.85 0.31
N ILE A 112 16.58 -7.17 0.05
CA ILE A 112 15.59 -6.20 -0.38
C ILE A 112 14.88 -5.69 0.86
N TYR A 113 14.99 -4.39 1.11
CA TYR A 113 14.43 -3.81 2.31
C TYR A 113 13.50 -2.65 1.96
N ASP A 114 12.50 -2.44 2.81
CA ASP A 114 11.57 -1.34 2.65
C ASP A 114 12.31 -0.01 2.62
N SER A 115 11.96 0.87 1.66
CA SER A 115 12.69 2.13 1.51
C SER A 115 12.60 3.01 2.76
N SER A 116 11.65 2.77 3.65
CA SER A 116 11.55 3.54 4.88
C SER A 116 12.63 3.18 5.89
N MET A 117 13.48 2.20 5.59
CA MET A 117 14.47 1.74 6.55
C MET A 117 15.82 1.85 5.86
N PRO A 118 16.20 3.05 5.40
CA PRO A 118 17.43 3.17 4.59
C PRO A 118 18.69 2.68 5.30
N TRP A 119 18.71 2.76 6.62
CA TRP A 119 19.85 2.33 7.43
C TRP A 119 20.10 0.84 7.35
N ILE A 120 19.17 0.06 6.79
CA ILE A 120 19.40 -1.35 6.55
C ILE A 120 20.44 -1.58 5.46
N LEU A 121 20.66 -0.59 4.58
CA LEU A 121 21.70 -0.69 3.57
C LEU A 121 23.06 -0.97 4.20
N GLU A 122 23.38 -0.24 5.28
CA GLU A 122 24.64 -0.44 5.99
C GLU A 122 24.78 -1.87 6.53
N VAL A 123 23.67 -2.49 6.96
CA VAL A 123 23.72 -3.87 7.41
C VAL A 123 24.02 -4.80 6.24
N ALA A 124 23.29 -4.60 5.13
CA ALA A 124 23.53 -5.41 3.94
C ALA A 124 25.01 -5.34 3.52
N HIS A 125 25.55 -4.13 3.43
CA HIS A 125 26.91 -3.96 2.93
C HIS A 125 27.93 -4.51 3.94
N GLU A 126 27.71 -4.28 5.23
CA GLU A 126 28.63 -4.83 6.23
C GLU A 126 28.63 -6.36 6.18
N GLN A 127 27.51 -6.96 5.77
CA GLN A 127 27.40 -8.41 5.65
C GLN A 127 27.77 -8.89 4.26
N GLY A 128 28.29 -8.02 3.40
CA GLY A 128 28.69 -8.46 2.07
C GLY A 128 27.56 -8.75 1.12
N LEU A 129 26.36 -8.24 1.38
CA LEU A 129 25.22 -8.43 0.50
C LEU A 129 24.99 -7.19 -0.35
N LEU A 130 24.32 -7.39 -1.50
CA LEU A 130 23.75 -6.26 -2.24
C LEU A 130 22.52 -5.74 -1.50
N GLY A 131 22.28 -4.43 -1.63
CA GLY A 131 21.09 -3.85 -1.01
C GLY A 131 20.16 -3.26 -2.05
N ALA A 132 18.88 -3.64 -1.98
CA ALA A 132 17.84 -3.09 -2.85
C ALA A 132 16.79 -2.38 -2.00
N SER A 133 16.61 -1.08 -2.23
CA SER A 133 15.59 -0.32 -1.53
C SER A 133 14.28 -0.43 -2.29
N PHE A 134 13.23 -0.85 -1.61
CA PHE A 134 11.92 -1.11 -2.24
C PHE A 134 10.96 -0.02 -1.81
N PHE A 135 10.57 0.84 -2.76
CA PHE A 135 9.67 1.96 -2.51
C PHE A 135 8.24 1.50 -2.72
N THR A 136 7.40 1.64 -1.70
CA THR A 136 6.03 1.16 -1.72
C THR A 136 5.03 2.27 -2.03
N GLN A 137 5.52 3.43 -2.46
CA GLN A 137 4.72 4.53 -2.96
C GLN A 137 5.22 4.91 -4.36
N PRO A 138 4.37 5.57 -5.16
CA PRO A 138 4.71 5.83 -6.56
C PRO A 138 5.82 6.88 -6.66
N CYS A 139 6.39 6.95 -7.85
CA CYS A 139 7.48 7.90 -8.09
C CYS A 139 7.02 9.33 -7.86
N SER A 140 5.78 9.65 -8.24
CA SER A 140 5.27 11.01 -8.09
C SER A 140 5.25 11.45 -6.63
N VAL A 141 4.84 10.55 -5.74
CA VAL A 141 4.78 10.90 -4.32
C VAL A 141 6.18 10.83 -3.70
N SER A 142 6.97 9.83 -4.10
CA SER A 142 8.34 9.73 -3.62
C SER A 142 9.16 10.95 -3.99
N ALA A 143 8.89 11.54 -5.16
CA ALA A 143 9.58 12.77 -5.54
C ALA A 143 9.38 13.87 -4.50
N ILE A 144 8.20 13.96 -3.90
CA ILE A 144 7.95 14.98 -2.87
C ILE A 144 8.84 14.74 -1.66
N TYR A 145 9.03 13.49 -1.26
CA TYR A 145 9.92 13.19 -0.14
C TYR A 145 11.36 13.56 -0.47
N TYR A 146 11.78 13.33 -1.72
CA TYR A 146 13.11 13.74 -2.11
C TYR A 146 13.28 15.26 -1.96
N HIS A 147 12.28 16.03 -2.44
CA HIS A 147 12.32 17.48 -2.28
C HIS A 147 12.29 17.90 -0.82
N MET A 148 11.61 17.13 0.03
CA MET A 148 11.64 17.39 1.46
C MET A 148 13.06 17.21 2.02
N LEU A 149 13.72 16.13 1.65
CA LEU A 149 15.09 15.93 2.10
C LEU A 149 16.01 17.07 1.63
N GLN A 150 15.84 17.51 0.38
CA GLN A 150 16.60 18.62 -0.19
C GLN A 150 16.29 19.95 0.48
N GLY A 151 15.23 20.03 1.27
CA GLY A 151 14.81 21.29 1.85
C GLY A 151 14.00 22.15 0.92
N THR A 152 13.71 21.67 -0.29
CA THR A 152 12.99 22.45 -1.29
C THR A 152 11.56 22.69 -0.86
N ILE A 153 11.03 21.74 -0.07
CA ILE A 153 9.66 21.88 0.47
C ILE A 153 9.62 21.40 1.92
N LYS A 154 8.96 22.15 2.79
CA LYS A 154 8.78 21.74 4.19
C LYS A 154 7.31 21.44 4.42
N LEU A 155 6.99 20.32 5.05
CA LEU A 155 5.58 19.93 5.18
C LEU A 155 5.09 20.06 6.62
N MET A 164 -0.70 27.17 -3.29
CA MET A 164 -0.41 26.37 -4.50
C MET A 164 1.06 25.94 -4.51
N VAL A 165 1.36 24.72 -4.98
CA VAL A 165 2.74 24.19 -4.91
C VAL A 165 3.13 23.63 -6.28
N SER A 166 4.23 24.12 -6.82
CA SER A 166 4.74 23.66 -8.12
C SER A 166 5.99 22.83 -7.89
N LEU A 167 5.96 21.58 -8.30
CA LEU A 167 7.16 20.71 -8.23
C LEU A 167 7.45 20.11 -9.63
N PRO A 168 8.73 19.85 -10.04
CA PRO A 168 9.00 19.37 -11.40
C PRO A 168 8.23 18.11 -11.73
N TYR A 169 7.53 18.14 -12.88
CA TYR A 169 6.84 16.99 -13.47
C TYR A 169 5.68 16.49 -12.62
N LEU A 170 5.20 17.27 -11.67
CA LEU A 170 3.99 16.97 -10.93
C LEU A 170 2.91 18.00 -11.27
N PRO A 171 1.63 17.60 -11.25
CA PRO A 171 0.56 18.59 -11.43
C PRO A 171 0.62 19.63 -10.33
N LEU A 172 0.18 20.85 -10.67
CA LEU A 172 -0.05 21.87 -9.67
C LEU A 172 -0.85 21.29 -8.51
N LEU A 173 -0.36 21.47 -7.30
CA LEU A 173 -0.96 20.91 -6.11
C LEU A 173 -1.49 22.00 -5.21
N GLU A 174 -2.66 21.76 -4.62
CA GLU A 174 -3.04 22.62 -3.53
C GLU A 174 -2.32 22.17 -2.27
N ILE A 175 -2.33 23.03 -1.25
CA ILE A 175 -1.69 22.65 0.02
C ILE A 175 -2.31 21.36 0.54
N LYS A 176 -3.64 21.21 0.41
CA LYS A 176 -4.36 20.01 0.84
C LYS A 176 -3.90 18.74 0.14
N ASP A 177 -3.27 18.85 -1.03
CA ASP A 177 -2.85 17.68 -1.78
C ASP A 177 -1.47 17.17 -1.38
N LEU A 178 -0.70 17.95 -0.62
CA LEU A 178 0.59 17.48 -0.14
C LEU A 178 0.39 16.36 0.88
N PRO A 179 1.38 15.47 1.03
CA PRO A 179 1.26 14.39 2.02
C PRO A 179 0.91 14.96 3.39
N GLY A 180 -0.09 14.37 4.03
CA GLY A 180 -0.58 14.92 5.28
C GLY A 180 0.12 14.36 6.50
N VAL A 181 0.91 15.19 7.20
CA VAL A 181 1.52 14.79 8.46
C VAL A 181 0.99 15.57 9.65
N GLN A 182 0.42 16.76 9.44
CA GLN A 182 -0.16 17.51 10.56
C GLN A 182 -1.22 16.70 11.30
N GLN A 183 -1.84 15.71 10.63
CA GLN A 183 -2.84 14.86 11.26
C GLN A 183 -2.28 14.02 12.41
N PHE A 184 -0.96 13.87 12.46
CA PHE A 184 -0.34 13.00 13.45
C PHE A 184 0.00 13.74 14.73
N GLU A 185 -0.35 15.02 14.82
CA GLU A 185 -0.07 15.87 15.99
C GLU A 185 1.38 15.78 16.44
N ASP A 186 1.65 15.22 17.62
CA ASP A 186 3.02 15.25 18.12
C ASP A 186 3.94 14.24 17.44
N ASN A 187 3.41 13.37 16.57
CA ASN A 187 4.22 12.51 15.72
C ASN A 187 4.53 13.15 14.36
N SER A 188 4.05 14.37 14.12
CA SER A 188 4.17 15.00 12.79
C SER A 188 5.62 15.10 12.34
N GLU A 189 6.48 15.70 13.16
CA GLU A 189 7.86 15.92 12.75
C GLU A 189 8.59 14.61 12.55
N ALA A 190 8.38 13.63 13.43
CA ALA A 190 9.03 12.34 13.27
C ALA A 190 8.62 11.67 11.98
N VAL A 191 7.34 11.78 11.60
CA VAL A 191 6.91 11.12 10.37
C VAL A 191 7.48 11.85 9.15
N ALA A 192 7.46 13.19 9.17
CA ALA A 192 8.04 13.94 8.07
C ALA A 192 9.52 13.60 7.87
N GLU A 193 10.25 13.38 8.96
CA GLU A 193 11.71 13.05 8.87
C GLU A 193 11.89 11.66 8.24
N LEU A 194 11.12 10.69 8.67
CA LEU A 194 11.22 9.29 8.17
C LEU A 194 10.93 9.27 6.66
N LEU A 195 9.94 10.02 6.22
CA LEU A 195 9.58 10.04 4.78
C LEU A 195 10.74 10.65 3.99
N ALA A 196 11.27 11.77 4.46
CA ALA A 196 12.38 12.39 3.75
C ALA A 196 13.63 11.53 3.76
N ASP A 197 13.87 10.78 4.84
CA ASP A 197 15.08 9.98 4.93
C ASP A 197 15.11 8.78 3.99
N GLN A 198 14.00 8.48 3.30
CA GLN A 198 14.05 7.45 2.26
C GLN A 198 15.08 7.75 1.17
N PHE A 199 15.48 9.01 1.00
CA PHE A 199 16.44 9.38 -0.03
C PHE A 199 17.81 9.73 0.54
N SER A 200 18.03 9.49 1.83
CA SER A 200 19.25 9.92 2.53
C SER A 200 20.50 9.18 2.07
N ASN A 201 20.38 8.00 1.47
CA ASN A 201 21.57 7.30 0.99
C ASN A 201 21.36 6.72 -0.41
N ILE A 202 20.50 7.35 -1.22
CA ILE A 202 20.07 6.74 -2.48
C ILE A 202 21.25 6.52 -3.43
N ASP A 203 22.27 7.37 -3.38
CA ASP A 203 23.41 7.20 -4.28
C ASP A 203 24.18 5.92 -4.00
N ASP A 204 24.04 5.33 -2.81
CA ASP A 204 24.82 4.18 -2.37
C ASP A 204 24.07 2.85 -2.47
N VAL A 205 22.78 2.90 -2.79
CA VAL A 205 21.96 1.70 -2.94
C VAL A 205 22.34 0.96 -4.21
N ASP A 206 22.35 -0.37 -4.14
CA ASP A 206 22.70 -1.14 -5.34
C ASP A 206 21.54 -1.22 -6.34
N TYR A 207 20.29 -1.30 -5.86
CA TYR A 207 19.13 -1.32 -6.74
C TYR A 207 18.03 -0.48 -6.11
N VAL A 208 17.37 0.36 -6.91
CA VAL A 208 16.29 1.20 -6.44
C VAL A 208 15.01 0.72 -7.13
N LEU A 209 14.11 0.09 -6.38
CA LEU A 209 12.91 -0.54 -6.93
C LEU A 209 11.69 0.25 -6.50
N PHE A 210 10.79 0.52 -7.47
CA PHE A 210 9.56 1.24 -7.22
C PHE A 210 8.36 0.38 -7.61
N ASN A 211 7.35 0.35 -6.75
CA ASN A 211 6.14 -0.41 -7.06
C ASN A 211 5.20 0.49 -7.86
N THR A 212 5.55 0.67 -9.13
CA THR A 212 4.76 1.47 -10.06
C THR A 212 5.12 0.96 -11.45
N PHE A 213 4.43 1.48 -12.49
CA PHE A 213 4.85 1.21 -13.86
C PHE A 213 4.96 2.50 -14.65
N ASP A 214 5.89 2.51 -15.62
CA ASP A 214 6.29 3.73 -16.33
C ASP A 214 5.09 4.48 -16.89
N ALA A 215 4.19 3.77 -17.61
CA ALA A 215 3.09 4.45 -18.28
C ALA A 215 2.21 5.26 -17.31
N LEU A 216 2.21 4.89 -16.03
CA LEU A 216 1.41 5.61 -15.05
C LEU A 216 1.98 6.99 -14.72
N GLU A 217 3.29 7.20 -14.88
CA GLU A 217 3.89 8.48 -14.48
C GLU A 217 5.18 8.69 -15.29
N ILE A 218 4.99 8.85 -16.60
CA ILE A 218 6.11 8.81 -17.55
C ILE A 218 7.15 9.87 -17.20
N GLU A 219 6.71 11.12 -17.00
CA GLU A 219 7.67 12.21 -16.91
C GLU A 219 8.45 12.17 -15.59
N VAL A 220 7.78 11.86 -14.48
CA VAL A 220 8.53 11.88 -13.23
C VAL A 220 9.46 10.66 -13.15
N VAL A 221 9.06 9.53 -13.75
CA VAL A 221 9.97 8.38 -13.81
C VAL A 221 11.19 8.71 -14.67
N ASN A 222 10.97 9.39 -15.80
CA ASN A 222 12.08 9.82 -16.65
C ASN A 222 13.00 10.78 -15.90
N TRP A 223 12.44 11.71 -15.13
CA TRP A 223 13.25 12.64 -14.33
C TRP A 223 14.08 11.89 -13.29
N MET A 224 13.44 11.01 -12.52
CA MET A 224 14.12 10.19 -11.51
C MET A 224 15.26 9.40 -12.14
N GLY A 225 15.01 8.81 -13.32
CA GLY A 225 16.00 8.01 -13.99
C GLY A 225 17.20 8.80 -14.48
N SER A 226 17.05 10.12 -14.62
CA SER A 226 18.18 10.97 -14.95
C SER A 226 19.08 11.24 -13.74
N LYS A 227 18.64 10.92 -12.53
CA LYS A 227 19.43 11.06 -11.31
C LYS A 227 20.07 9.74 -10.89
N TRP A 228 19.30 8.66 -10.88
CA TRP A 228 19.75 7.34 -10.46
C TRP A 228 19.15 6.30 -11.38
N PRO A 229 19.85 5.21 -11.63
CA PRO A 229 19.20 4.05 -12.22
C PRO A 229 18.13 3.52 -11.28
N ILE A 230 16.88 3.54 -11.77
CA ILE A 230 15.78 3.01 -11.00
C ILE A 230 15.11 1.91 -11.82
N LEU A 231 14.43 1.00 -11.12
CA LEU A 231 13.73 -0.13 -11.73
C LEU A 231 12.27 -0.08 -11.31
N THR A 232 11.38 0.26 -12.23
CA THR A 232 9.96 0.20 -11.93
C THR A 232 9.49 -1.25 -12.14
N VAL A 233 8.93 -1.85 -11.09
CA VAL A 233 8.66 -3.29 -11.12
C VAL A 233 7.20 -3.58 -10.77
N GLY A 234 6.33 -2.57 -10.83
CA GLY A 234 4.98 -2.71 -10.34
C GLY A 234 3.94 -2.84 -11.43
N PRO A 235 2.72 -3.27 -11.08
CA PRO A 235 2.29 -3.72 -9.75
C PRO A 235 2.97 -5.01 -9.40
N THR A 236 3.50 -5.10 -8.17
CA THR A 236 4.04 -6.40 -7.79
C THR A 236 2.93 -7.40 -7.52
N ALA A 237 1.73 -6.92 -7.16
CA ALA A 237 0.62 -7.83 -6.89
C ALA A 237 0.25 -8.60 -8.17
N PRO A 238 -0.14 -9.87 -8.05
CA PRO A 238 -0.37 -10.73 -9.23
C PRO A 238 -1.71 -10.46 -9.93
N ASN A 258 -1.25 -15.77 -2.11
CA ASN A 258 -1.27 -14.28 -2.12
C ASN A 258 -1.49 -13.65 -0.75
N TYR A 259 -1.86 -14.40 0.28
CA TYR A 259 -2.19 -13.73 1.55
C TYR A 259 -1.49 -14.41 2.73
N LEU A 260 -1.00 -13.61 3.66
CA LEU A 260 -0.43 -14.25 4.83
C LEU A 260 -1.43 -14.28 5.98
N PHE A 261 -2.34 -13.33 5.96
CA PHE A 261 -3.22 -13.07 7.08
C PHE A 261 -4.59 -13.64 6.76
N GLU A 262 -5.42 -13.71 7.79
CA GLU A 262 -6.78 -14.20 7.61
C GLU A 262 -7.57 -13.22 6.75
N THR A 263 -8.07 -13.71 5.61
CA THR A 263 -8.81 -12.87 4.66
C THR A 263 -10.27 -13.26 4.52
N ASN A 264 -10.76 -14.27 5.24
CA ASN A 264 -12.19 -14.64 5.18
C ASN A 264 -12.63 -14.89 3.74
N THR A 265 -11.77 -15.58 2.99
CA THR A 265 -11.92 -15.66 1.55
C THR A 265 -13.24 -16.30 1.14
N GLU A 266 -13.53 -17.47 1.70
CA GLU A 266 -14.71 -18.20 1.27
C GLU A 266 -15.98 -17.41 1.54
N VAL A 267 -16.07 -16.76 2.71
CA VAL A 267 -17.30 -16.03 3.02
C VAL A 267 -17.46 -14.85 2.07
N CYS A 268 -16.35 -14.12 1.82
CA CYS A 268 -16.40 -12.96 0.93
C CYS A 268 -16.74 -13.37 -0.49
N MET A 269 -16.05 -14.39 -1.02
CA MET A 269 -16.21 -14.76 -2.41
C MET A 269 -17.59 -15.36 -2.67
N LYS A 270 -18.11 -16.14 -1.72
CA LYS A 270 -19.46 -16.68 -1.90
C LYS A 270 -20.50 -15.56 -1.94
N TRP A 271 -20.33 -14.54 -1.11
CA TRP A 271 -21.26 -13.42 -1.09
C TRP A 271 -21.20 -12.63 -2.40
N LEU A 272 -19.99 -12.33 -2.88
CA LEU A 272 -19.82 -11.62 -4.13
C LEU A 272 -20.39 -12.43 -5.30
N ASP A 273 -20.26 -13.75 -5.24
CA ASP A 273 -20.78 -14.60 -6.32
C ASP A 273 -22.30 -14.55 -6.39
N GLN A 274 -22.99 -14.07 -5.35
CA GLN A 274 -24.43 -13.89 -5.42
C GLN A 274 -24.83 -12.55 -6.04
N ARG A 275 -23.88 -11.66 -6.33
CA ARG A 275 -24.16 -10.30 -6.77
C ARG A 275 -23.99 -10.18 -8.28
N GLU A 276 -24.86 -9.40 -8.93
CA GLU A 276 -24.71 -9.24 -10.37
C GLU A 276 -23.65 -8.19 -10.69
N ILE A 277 -23.28 -8.14 -11.97
CA ILE A 277 -22.19 -7.30 -12.44
C ILE A 277 -22.43 -5.84 -12.07
N ASP A 278 -21.38 -5.18 -11.57
CA ASP A 278 -21.39 -3.71 -11.38
C ASP A 278 -22.43 -3.27 -10.35
N THR A 279 -22.59 -4.02 -9.29
CA THR A 279 -23.61 -3.68 -8.31
C THR A 279 -23.10 -3.47 -6.90
N VAL A 280 -21.82 -3.73 -6.65
CA VAL A 280 -21.27 -3.75 -5.29
C VAL A 280 -20.33 -2.58 -5.10
N ILE A 281 -20.50 -1.87 -3.99
CA ILE A 281 -19.51 -0.91 -3.51
C ILE A 281 -18.60 -1.62 -2.54
N TYR A 282 -17.30 -1.68 -2.86
CA TYR A 282 -16.32 -2.20 -1.91
C TYR A 282 -15.81 -1.02 -1.09
N VAL A 283 -15.75 -1.17 0.23
CA VAL A 283 -15.38 -0.08 1.12
C VAL A 283 -14.27 -0.56 2.04
N SER A 284 -13.14 0.16 2.06
CA SER A 284 -12.08 -0.22 2.98
C SER A 284 -11.17 0.98 3.23
N PHE A 285 -10.80 1.19 4.49
CA PHE A 285 -9.84 2.22 4.83
C PHE A 285 -8.48 1.65 5.19
N GLY A 286 -8.20 0.45 4.72
CA GLY A 286 -6.87 -0.11 4.84
C GLY A 286 -6.62 -0.76 6.19
N SER A 287 -5.33 -0.91 6.50
CA SER A 287 -4.84 -1.67 7.65
C SER A 287 -4.58 -0.80 8.88
N LEU A 288 -4.53 0.52 8.73
CA LEU A 288 -4.02 1.42 9.75
C LEU A 288 -5.02 2.50 10.13
N ALA A 289 -5.63 3.15 9.16
CA ALA A 289 -6.50 4.27 9.44
C ALA A 289 -7.73 3.83 10.22
N SER A 290 -8.18 4.71 11.10
CA SER A 290 -9.39 4.49 11.89
C SER A 290 -10.25 5.73 11.85
N LEU A 291 -11.55 5.53 11.68
CA LEU A 291 -12.51 6.62 11.63
C LEU A 291 -13.23 6.77 12.96
N THR A 292 -13.59 8.00 13.29
CA THR A 292 -14.31 8.25 14.53
C THR A 292 -15.69 7.60 14.47
N GLU A 293 -16.26 7.38 15.66
CA GLU A 293 -17.60 6.82 15.74
C GLU A 293 -18.59 7.65 14.93
N GLU A 294 -18.44 8.97 14.97
CA GLU A 294 -19.38 9.83 14.25
C GLU A 294 -19.20 9.66 12.74
N GLN A 295 -17.95 9.62 12.27
CA GLN A 295 -17.68 9.38 10.86
C GLN A 295 -18.19 8.02 10.41
N MET A 296 -17.98 6.98 11.24
CA MET A 296 -18.54 5.66 10.95
C MET A 296 -20.04 5.71 10.74
N GLU A 297 -20.76 6.46 11.57
CA GLU A 297 -22.21 6.56 11.40
C GLU A 297 -22.56 7.16 10.05
N GLN A 298 -21.87 8.24 9.67
CA GLN A 298 -22.06 8.83 8.34
C GLN A 298 -21.90 7.79 7.23
N VAL A 299 -20.83 6.99 7.30
CA VAL A 299 -20.59 5.98 6.26
C VAL A 299 -21.68 4.90 6.28
N SER A 300 -22.01 4.40 7.48
CA SER A 300 -23.07 3.39 7.60
C SER A 300 -24.37 3.86 6.97
N GLN A 301 -24.78 5.09 7.28
CA GLN A 301 -26.07 5.57 6.79
C GLN A 301 -26.02 5.81 5.29
N ALA A 302 -24.90 6.34 4.79
CA ALA A 302 -24.76 6.55 3.35
C ALA A 302 -24.86 5.23 2.60
N LEU A 303 -24.24 4.17 3.13
CA LEU A 303 -24.32 2.89 2.44
C LEU A 303 -25.76 2.36 2.42
N ILE A 304 -26.47 2.49 3.53
CA ILE A 304 -27.85 1.98 3.60
C ILE A 304 -28.76 2.77 2.65
N ARG A 305 -28.75 4.10 2.73
CA ARG A 305 -29.66 4.87 1.90
C ARG A 305 -29.28 4.86 0.42
N SER A 306 -28.02 4.60 0.10
CA SER A 306 -27.62 4.37 -1.28
C SER A 306 -28.42 3.24 -1.92
N ASN A 307 -28.84 2.27 -1.12
CA ASN A 307 -29.53 1.06 -1.54
C ASN A 307 -28.70 0.20 -2.49
N CYS A 308 -27.38 0.41 -2.53
CA CYS A 308 -26.47 -0.49 -3.24
C CYS A 308 -26.00 -1.61 -2.33
N TYR A 309 -25.62 -2.72 -2.96
CA TYR A 309 -24.90 -3.76 -2.24
C TYR A 309 -23.51 -3.25 -1.91
N PHE A 310 -23.00 -3.65 -0.75
CA PHE A 310 -21.71 -3.17 -0.32
C PHE A 310 -20.99 -4.24 0.49
N LEU A 311 -19.68 -4.31 0.29
CA LEU A 311 -18.80 -5.12 1.12
C LEU A 311 -17.88 -4.15 1.84
N TRP A 312 -17.96 -4.11 3.17
CA TRP A 312 -17.24 -3.10 3.96
C TRP A 312 -16.31 -3.79 4.95
N VAL A 313 -15.02 -3.57 4.77
CA VAL A 313 -14.00 -4.09 5.68
C VAL A 313 -13.91 -3.15 6.88
N VAL A 314 -14.35 -3.62 8.03
CA VAL A 314 -14.21 -2.91 9.28
C VAL A 314 -13.36 -3.80 10.17
N ARG A 315 -12.14 -3.36 10.46
CA ARG A 315 -11.23 -4.21 11.22
C ARG A 315 -11.82 -4.55 12.58
N GLU A 316 -11.37 -5.68 13.13
CA GLU A 316 -11.95 -6.22 14.36
C GLU A 316 -11.94 -5.18 15.49
N GLU A 317 -10.79 -4.54 15.71
CA GLU A 317 -10.65 -3.52 16.74
C GLU A 317 -11.41 -2.23 16.44
N GLU A 318 -12.07 -2.14 15.30
CA GLU A 318 -12.86 -0.95 14.97
C GLU A 318 -14.36 -1.20 14.96
N GLU A 319 -14.81 -2.45 15.01
CA GLU A 319 -16.24 -2.68 14.79
C GLU A 319 -17.10 -2.23 15.96
N ASN A 320 -16.49 -1.99 17.14
CA ASN A 320 -17.21 -1.42 18.27
C ASN A 320 -17.73 0.00 17.99
N LYS A 321 -17.20 0.68 16.97
CA LYS A 321 -17.63 2.03 16.64
C LYS A 321 -18.76 2.06 15.62
N LEU A 322 -19.21 0.89 15.14
CA LEU A 322 -20.33 0.83 14.22
C LEU A 322 -21.64 1.11 14.98
N PRO A 323 -22.63 1.71 14.32
CA PRO A 323 -23.96 1.84 14.94
C PRO A 323 -24.45 0.51 15.50
N LYS A 324 -25.32 0.59 16.51
CA LYS A 324 -25.61 -0.54 17.39
C LYS A 324 -25.91 -1.86 16.69
N ASP A 325 -26.98 -1.94 15.90
CA ASP A 325 -27.33 -3.19 15.23
C ASP A 325 -26.84 -3.22 13.79
N PHE A 326 -25.76 -2.51 13.45
CA PHE A 326 -25.40 -2.41 12.04
C PHE A 326 -24.86 -3.73 11.51
N LYS A 327 -23.87 -4.31 12.18
CA LYS A 327 -23.25 -5.53 11.65
C LYS A 327 -24.24 -6.68 11.64
N GLU A 328 -25.05 -6.83 12.69
CA GLU A 328 -25.86 -8.04 12.82
C GLU A 328 -27.15 -7.96 12.02
N THR A 329 -27.77 -6.79 11.92
CA THR A 329 -29.10 -6.78 11.32
C THR A 329 -29.22 -5.79 10.16
N THR A 330 -29.01 -4.49 10.39
CA THR A 330 -29.39 -3.54 9.36
C THR A 330 -28.53 -3.62 8.11
N SER A 331 -27.34 -4.20 8.19
CA SER A 331 -26.52 -4.41 7.01
C SER A 331 -26.78 -5.75 6.32
N LYS A 332 -27.67 -6.59 6.84
CA LYS A 332 -27.79 -7.94 6.28
C LYS A 332 -28.50 -7.98 4.94
N LYS A 333 -29.40 -7.02 4.68
CA LYS A 333 -30.15 -7.06 3.42
C LYS A 333 -29.23 -6.83 2.22
N LYS A 334 -28.34 -5.84 2.33
CA LYS A 334 -27.55 -5.42 1.19
C LYS A 334 -26.04 -5.52 1.41
N GLY A 335 -25.59 -5.70 2.64
CA GLY A 335 -24.17 -5.57 2.88
C GLY A 335 -23.50 -6.79 3.47
N LEU A 336 -22.18 -6.82 3.36
CA LEU A 336 -21.37 -7.80 4.07
C LEU A 336 -20.31 -6.99 4.81
N VAL A 337 -20.35 -7.00 6.13
CA VAL A 337 -19.37 -6.32 6.97
C VAL A 337 -18.42 -7.38 7.55
N ILE A 338 -17.14 -7.25 7.27
CA ILE A 338 -16.15 -8.29 7.48
C ILE A 338 -14.86 -7.66 7.99
N ASN A 339 -14.12 -8.40 8.83
CA ASN A 339 -12.96 -7.73 9.44
C ASN A 339 -11.74 -7.67 8.52
N TRP A 340 -11.74 -8.42 7.42
CA TRP A 340 -10.66 -8.42 6.43
C TRP A 340 -11.14 -9.28 5.26
N CYS A 341 -10.74 -8.90 4.05
CA CYS A 341 -11.17 -9.61 2.85
C CYS A 341 -9.96 -9.93 1.99
N PRO A 342 -10.12 -10.79 0.98
CA PRO A 342 -9.01 -11.00 0.05
C PRO A 342 -9.05 -9.90 -1.01
N GLN A 343 -8.37 -8.78 -0.75
CA GLN A 343 -8.67 -7.56 -1.50
C GLN A 343 -8.39 -7.73 -2.99
N LEU A 344 -7.32 -8.46 -3.36
CA LEU A 344 -7.06 -8.67 -4.78
C LEU A 344 -8.22 -9.39 -5.44
N ASP A 345 -8.74 -10.42 -4.77
CA ASP A 345 -9.85 -11.18 -5.33
C ASP A 345 -11.14 -10.36 -5.35
N VAL A 346 -11.34 -9.52 -4.34
CA VAL A 346 -12.55 -8.68 -4.31
C VAL A 346 -12.52 -7.69 -5.47
N LEU A 347 -11.39 -6.99 -5.65
CA LEU A 347 -11.30 -5.99 -6.70
C LEU A 347 -11.33 -6.61 -8.10
N ALA A 348 -10.97 -7.89 -8.23
CA ALA A 348 -11.07 -8.60 -9.51
C ALA A 348 -12.48 -9.11 -9.82
N HIS A 349 -13.38 -9.07 -8.85
CA HIS A 349 -14.72 -9.64 -9.05
C HIS A 349 -15.59 -8.69 -9.86
N LYS A 350 -16.32 -9.24 -10.85
CA LYS A 350 -17.08 -8.37 -11.74
C LYS A 350 -18.27 -7.71 -11.07
N SER A 351 -18.73 -8.20 -9.92
CA SER A 351 -19.81 -7.52 -9.21
C SER A 351 -19.39 -6.16 -8.66
N VAL A 352 -18.10 -5.90 -8.51
CA VAL A 352 -17.66 -4.67 -7.85
C VAL A 352 -17.74 -3.52 -8.85
N ALA A 353 -18.55 -2.52 -8.51
CA ALA A 353 -18.69 -1.39 -9.39
C ALA A 353 -17.76 -0.25 -9.03
N CYS A 354 -17.43 -0.10 -7.76
CA CYS A 354 -16.50 0.95 -7.37
C CYS A 354 -15.95 0.67 -5.97
N PHE A 355 -14.90 1.41 -5.65
CA PHE A 355 -14.08 1.17 -4.47
C PHE A 355 -14.01 2.47 -3.69
N MET A 356 -14.73 2.54 -2.57
CA MET A 356 -14.59 3.66 -1.64
C MET A 356 -13.37 3.38 -0.76
N THR A 357 -12.32 4.19 -0.91
CA THR A 357 -10.99 3.85 -0.40
C THR A 357 -10.37 5.02 0.34
N HIS A 358 -9.46 4.70 1.27
CA HIS A 358 -8.65 5.75 1.88
C HIS A 358 -7.48 6.18 0.99
N CYS A 359 -7.27 5.52 -0.15
CA CYS A 359 -6.27 5.90 -1.15
C CYS A 359 -4.85 5.63 -0.68
N GLY A 360 -4.64 4.61 0.16
CA GLY A 360 -3.29 4.07 0.31
C GLY A 360 -2.77 3.59 -1.03
N TRP A 361 -1.44 3.56 -1.19
CA TRP A 361 -0.92 3.31 -2.53
C TRP A 361 -1.26 1.90 -3.03
N ASN A 362 -1.19 0.87 -2.17
CA ASN A 362 -1.52 -0.47 -2.64
C ASN A 362 -2.98 -0.53 -3.12
N SER A 363 -3.89 0.06 -2.34
CA SER A 363 -5.30 0.01 -2.73
C SER A 363 -5.54 0.77 -4.02
N THR A 364 -4.86 1.92 -4.18
CA THR A 364 -5.00 2.72 -5.39
C THR A 364 -4.53 1.92 -6.61
N LEU A 365 -3.32 1.35 -6.50
CA LEU A 365 -2.75 0.62 -7.63
C LEU A 365 -3.51 -0.65 -7.90
N GLU A 366 -3.91 -1.38 -6.85
CA GLU A 366 -4.68 -2.60 -7.06
C GLU A 366 -6.02 -2.29 -7.75
N ALA A 367 -6.68 -1.20 -7.38
CA ALA A 367 -7.95 -0.83 -8.04
C ALA A 367 -7.73 -0.41 -9.50
N LEU A 368 -6.69 0.38 -9.75
CA LEU A 368 -6.34 0.82 -11.13
C LEU A 368 -6.05 -0.40 -12.00
N CYS A 369 -5.27 -1.35 -11.50
CA CYS A 369 -4.87 -2.56 -12.26
C CYS A 369 -6.07 -3.49 -12.41
N SER A 370 -7.10 -3.29 -11.60
CA SER A 370 -8.30 -4.10 -11.67
C SER A 370 -9.40 -3.43 -12.48
N GLY A 371 -9.21 -2.18 -12.89
CA GLY A 371 -10.24 -1.47 -13.65
C GLY A 371 -11.40 -0.97 -12.83
N VAL A 372 -11.19 -0.68 -11.54
CA VAL A 372 -12.27 -0.37 -10.60
C VAL A 372 -12.19 1.12 -10.26
N PRO A 373 -13.19 1.92 -10.63
CA PRO A 373 -13.14 3.34 -10.27
C PRO A 373 -13.37 3.54 -8.78
N MET A 374 -12.97 4.71 -8.29
CA MET A 374 -12.84 4.91 -6.84
C MET A 374 -13.61 6.11 -6.34
N ILE A 375 -13.98 6.05 -5.08
CA ILE A 375 -14.44 7.19 -4.30
C ILE A 375 -13.36 7.47 -3.27
N CYS A 376 -12.72 8.63 -3.37
CA CYS A 376 -11.52 8.92 -2.59
C CYS A 376 -11.91 9.56 -1.27
N MET A 377 -11.50 8.94 -0.17
CA MET A 377 -11.68 9.48 1.18
C MET A 377 -10.34 9.42 1.90
N PRO A 378 -9.36 10.19 1.45
CA PRO A 378 -8.02 10.08 2.03
C PRO A 378 -7.99 10.53 3.48
N GLN A 379 -7.10 9.92 4.26
CA GLN A 379 -7.00 10.23 5.67
C GLN A 379 -5.73 10.99 6.03
N TRP A 380 -4.56 10.54 5.60
CA TRP A 380 -3.30 11.17 6.00
C TRP A 380 -2.16 10.61 5.14
N ALA A 381 -0.95 11.11 5.42
CA ALA A 381 0.26 10.78 4.66
C ALA A 381 0.02 10.90 3.17
N ASP A 382 0.51 9.94 2.37
CA ASP A 382 0.45 10.06 0.92
C ASP A 382 -0.97 9.90 0.36
N GLN A 383 -1.94 9.51 1.18
CA GLN A 383 -3.31 9.30 0.69
C GLN A 383 -3.87 10.58 0.07
N THR A 384 -3.53 11.74 0.62
CA THR A 384 -4.02 13.00 0.07
C THR A 384 -3.51 13.21 -1.34
N THR A 385 -2.21 13.00 -1.54
CA THR A 385 -1.62 13.16 -2.87
C THR A 385 -2.13 12.11 -3.83
N ASN A 386 -2.28 10.87 -3.36
CA ASN A 386 -2.82 9.83 -4.23
C ASN A 386 -4.24 10.17 -4.68
N ALA A 387 -5.04 10.76 -3.80
CA ALA A 387 -6.41 11.12 -4.17
C ALA A 387 -6.45 12.19 -5.25
N LYS A 388 -5.50 13.13 -5.20
CA LYS A 388 -5.37 14.12 -6.26
C LYS A 388 -5.00 13.48 -7.59
N LEU A 389 -4.01 12.59 -7.57
CA LEU A 389 -3.61 11.88 -8.79
C LEU A 389 -4.77 11.04 -9.35
N ILE A 390 -5.48 10.34 -8.46
CA ILE A 390 -6.62 9.53 -8.90
C ILE A 390 -7.65 10.40 -9.61
N GLU A 391 -7.99 11.53 -9.00
CA GLU A 391 -9.12 12.33 -9.51
C GLU A 391 -8.71 13.17 -10.71
N HIS A 392 -7.51 13.74 -10.69
CA HIS A 392 -7.21 14.76 -11.66
C HIS A 392 -6.20 14.34 -12.73
N VAL A 393 -5.33 13.37 -12.46
CA VAL A 393 -4.34 12.95 -13.46
C VAL A 393 -4.82 11.68 -14.15
N TRP A 394 -5.07 10.61 -13.37
CA TRP A 394 -5.48 9.34 -13.95
C TRP A 394 -6.97 9.33 -14.25
N LYS A 395 -7.75 10.14 -13.53
CA LYS A 395 -9.19 10.36 -13.80
C LYS A 395 -9.99 9.06 -13.69
N ILE A 396 -9.79 8.35 -12.58
CA ILE A 396 -10.48 7.10 -12.32
C ILE A 396 -11.23 7.18 -11.00
N GLY A 397 -11.39 8.38 -10.47
CA GLY A 397 -12.14 8.50 -9.24
C GLY A 397 -12.64 9.91 -8.98
N VAL A 398 -13.52 10.00 -7.98
CA VAL A 398 -14.02 11.28 -7.48
C VAL A 398 -13.70 11.37 -6.00
N GLY A 399 -13.54 12.59 -5.50
CA GLY A 399 -13.20 12.82 -4.11
C GLY A 399 -14.38 13.36 -3.34
N VAL A 400 -14.45 13.05 -2.06
CA VAL A 400 -15.47 13.61 -1.17
C VAL A 400 -15.01 14.96 -0.67
N ASN A 401 -15.95 15.76 -0.17
CA ASN A 401 -15.65 17.04 0.47
C ASN A 401 -16.06 16.97 1.93
N LYS A 402 -15.15 17.38 2.81
CA LYS A 402 -15.44 17.52 4.23
C LYS A 402 -16.34 18.74 4.46
N SER A 403 -16.90 18.83 5.66
CA SER A 403 -17.70 19.99 6.04
C SER A 403 -16.93 20.87 7.01
N GLY A 407 -14.76 18.56 10.75
CA GLY A 407 -14.27 18.12 9.45
C GLY A 407 -14.75 16.71 9.13
N ILE A 408 -16.07 16.55 9.02
CA ILE A 408 -16.70 15.26 8.85
C ILE A 408 -17.29 15.18 7.45
N VAL A 409 -17.07 14.04 6.79
CA VAL A 409 -17.71 13.82 5.47
C VAL A 409 -19.12 13.30 5.76
N LYS A 410 -20.15 13.96 5.23
CA LYS A 410 -21.53 13.60 5.60
C LYS A 410 -22.13 12.60 4.62
N ARG A 411 -23.15 11.88 5.07
CA ARG A 411 -23.76 10.82 4.25
C ARG A 411 -24.13 11.33 2.86
N GLU A 412 -24.77 12.50 2.78
CA GLU A 412 -25.26 13.03 1.48
C GLU A 412 -24.10 13.18 0.49
N GLU A 413 -22.93 13.64 0.94
CA GLU A 413 -21.74 13.75 0.06
C GLU A 413 -21.32 12.35 -0.42
N ILE A 414 -21.28 11.39 0.49
CA ILE A 414 -20.94 10.03 0.09
C ILE A 414 -21.98 9.50 -0.88
N GLU A 415 -23.27 9.66 -0.54
CA GLU A 415 -24.33 9.26 -1.46
C GLU A 415 -24.19 9.95 -2.81
N ASP A 416 -23.80 11.22 -2.80
CA ASP A 416 -23.63 11.96 -4.05
C ASP A 416 -22.50 11.34 -4.87
N CYS A 417 -21.39 11.01 -4.21
CA CYS A 417 -20.29 10.37 -4.92
C CYS A 417 -20.69 8.99 -5.43
N ILE A 418 -21.45 8.23 -4.63
CA ILE A 418 -21.92 6.93 -5.09
C ILE A 418 -22.77 7.09 -6.35
N ARG A 419 -23.69 8.04 -6.35
CA ARG A 419 -24.53 8.25 -7.52
C ARG A 419 -23.69 8.66 -8.73
N GLN A 420 -22.73 9.57 -8.52
CA GLN A 420 -21.83 9.95 -9.60
C GLN A 420 -21.13 8.75 -10.23
N VAL A 421 -20.63 7.82 -9.41
CA VAL A 421 -19.87 6.71 -9.95
C VAL A 421 -20.78 5.62 -10.51
N ILE A 422 -21.87 5.30 -9.82
CA ILE A 422 -22.71 4.15 -10.16
C ILE A 422 -23.68 4.50 -11.28
N GLU A 423 -24.25 5.69 -11.26
CA GLU A 423 -25.36 6.06 -12.13
C GLU A 423 -24.99 7.04 -13.23
N SER A 424 -24.25 8.09 -12.90
CA SER A 424 -24.09 9.24 -13.77
C SER A 424 -23.23 8.89 -14.99
N GLU A 425 -23.32 9.76 -16.01
CA GLU A 425 -22.45 9.63 -17.18
C GLU A 425 -20.97 9.75 -16.80
N ARG A 426 -20.64 10.68 -15.90
CA ARG A 426 -19.24 10.81 -15.45
C ARG A 426 -18.71 9.48 -14.93
N GLY A 427 -19.57 8.70 -14.25
CA GLY A 427 -19.14 7.41 -13.74
C GLY A 427 -18.77 6.42 -14.82
N LYS A 428 -19.47 6.46 -15.95
CA LYS A 428 -19.08 5.62 -17.09
C LYS A 428 -17.74 6.05 -17.66
N GLU A 429 -17.46 7.35 -17.65
CA GLU A 429 -16.15 7.84 -18.08
C GLU A 429 -15.05 7.35 -17.14
N LEU A 430 -15.29 7.40 -15.83
CA LEU A 430 -14.29 6.92 -14.88
C LEU A 430 -14.02 5.44 -15.06
N LYS A 431 -15.06 4.66 -15.35
CA LYS A 431 -14.91 3.23 -15.59
C LYS A 431 -14.12 2.97 -16.85
N ARG A 432 -14.41 3.70 -17.93
CA ARG A 432 -13.62 3.56 -19.15
C ARG A 432 -12.16 3.92 -18.89
N ASN A 433 -11.91 5.01 -18.16
CA ASN A 433 -10.52 5.38 -17.84
C ASN A 433 -9.84 4.29 -17.03
N ALA A 434 -10.56 3.69 -16.08
CA ALA A 434 -9.97 2.65 -15.24
C ALA A 434 -9.63 1.41 -16.08
N ILE A 435 -10.45 1.10 -17.07
CA ILE A 435 -10.19 -0.05 -17.94
C ILE A 435 -8.97 0.23 -18.84
N LYS A 436 -8.82 1.47 -19.32
CA LYS A 436 -7.59 1.76 -20.08
C LYS A 436 -6.35 1.58 -19.20
N TRP A 437 -6.41 1.99 -17.94
CA TRP A 437 -5.25 1.81 -17.06
C TRP A 437 -5.00 0.34 -16.74
N LYS A 438 -6.06 -0.45 -16.58
CA LYS A 438 -5.91 -1.89 -16.42
C LYS A 438 -5.15 -2.50 -17.58
N GLU A 439 -5.47 -2.07 -18.80
CA GLU A 439 -4.80 -2.57 -19.99
C GLU A 439 -3.32 -2.19 -20.00
N LEU A 440 -3.01 -0.95 -19.64
CA LEU A 440 -1.61 -0.53 -19.61
C LEU A 440 -0.84 -1.25 -18.51
N ALA A 441 -1.49 -1.50 -17.37
CA ALA A 441 -0.86 -2.28 -16.31
C ALA A 441 -0.61 -3.72 -16.74
N LYS A 442 -1.56 -4.31 -17.48
CA LYS A 442 -1.36 -5.64 -18.03
C LYS A 442 -0.17 -5.69 -18.98
N GLU A 443 -0.04 -4.68 -19.86
CA GLU A 443 1.12 -4.61 -20.75
C GLU A 443 2.42 -4.54 -19.95
N ALA A 444 2.43 -3.74 -18.89
CA ALA A 444 3.64 -3.50 -18.13
C ALA A 444 4.18 -4.79 -17.52
N VAL A 445 3.30 -5.67 -17.06
CA VAL A 445 3.72 -6.88 -16.35
C VAL A 445 3.78 -8.09 -17.27
N SER A 446 3.42 -7.95 -18.52
CA SER A 446 3.50 -9.03 -19.49
C SER A 446 4.82 -8.95 -20.25
N GLU A 447 5.15 -10.02 -20.96
CA GLU A 447 6.40 -10.09 -21.70
C GLU A 447 6.58 -8.87 -22.59
N GLY A 448 7.80 -8.34 -22.58
CA GLY A 448 8.11 -7.12 -23.28
C GLY A 448 7.67 -5.85 -22.58
N GLY A 449 6.90 -5.95 -21.49
CA GLY A 449 6.45 -4.76 -20.81
C GLY A 449 7.51 -4.17 -19.91
N SER A 450 7.31 -2.90 -19.51
CA SER A 450 8.37 -2.19 -18.79
C SER A 450 8.70 -2.86 -17.46
N SER A 451 7.68 -3.29 -16.70
CA SER A 451 7.93 -3.87 -15.38
C SER A 451 8.48 -5.29 -15.51
N CYS A 452 7.97 -6.06 -16.46
CA CYS A 452 8.54 -7.37 -16.74
C CYS A 452 10.02 -7.25 -17.11
N ASN A 453 10.34 -6.28 -17.98
CA ASN A 453 11.71 -6.07 -18.40
C ASN A 453 12.60 -5.70 -17.21
N ASN A 454 12.09 -4.86 -16.30
CA ASN A 454 12.90 -4.41 -15.18
C ASN A 454 13.10 -5.52 -14.16
N ILE A 455 12.09 -6.36 -13.93
CA ILE A 455 12.29 -7.51 -13.05
C ILE A 455 13.30 -8.49 -13.66
N GLN A 456 13.24 -8.70 -14.98
CA GLN A 456 14.24 -9.52 -15.66
C GLN A 456 15.64 -8.95 -15.52
N GLU A 457 15.77 -7.62 -15.65
CA GLU A 457 17.08 -6.99 -15.51
C GLU A 457 17.62 -7.15 -14.09
N PHE A 458 16.76 -6.93 -13.09
CA PHE A 458 17.14 -7.19 -11.70
C PHE A 458 17.55 -8.65 -11.52
N SER A 459 16.73 -9.56 -12.03
CA SER A 459 16.97 -10.99 -11.84
C SER A 459 18.28 -11.41 -12.49
N SER A 460 18.56 -10.90 -13.69
CA SER A 460 19.78 -11.25 -14.41
C SER A 460 21.02 -10.65 -13.74
N SER A 461 20.89 -9.43 -13.21
CA SER A 461 21.99 -8.80 -12.48
C SER A 461 22.46 -9.67 -11.32
N LEU A 462 21.54 -10.36 -10.67
CA LEU A 462 21.92 -11.23 -9.54
C LEU A 462 22.56 -12.52 -10.00
N LEU A 463 22.14 -13.06 -11.14
CA LEU A 463 22.70 -14.28 -11.69
C LEU A 463 24.10 -14.06 -12.24
O4 6JI B . 4.45 3.92 9.85
C4 6JI B . -1.58 5.54 11.84
C3 6JI B . -0.70 6.76 12.13
O3 6JI B . 5.80 5.53 4.72
C2 6JI B . 0.80 6.40 12.31
O2 6JI B . 7.95 5.26 4.46
C1 6JI B . 1.56 7.68 12.71
O1 6JI B . -2.06 5.01 14.14
C10 6JI B . 2.82 5.30 11.17
C11 6JI B . 1.37 5.80 10.99
C12 6JI B . 1.26 6.77 9.80
C13 6JI B . 1.71 6.14 8.49
C14 6JI B . 3.13 5.54 8.57
C15 6JI B . 4.22 6.63 8.59
C16 6JI B . 3.36 4.52 7.41
C17 6JI B . 4.66 4.68 6.65
C18 6JI B . 5.85 4.16 7.15
C19 6JI B . 7.03 4.34 6.44
C20 6JI B . 7.01 5.04 5.19
C21 6JI B . 4.65 5.37 5.42
C22 6JI B . 3.08 3.12 7.98
C23 6JI B . 3.21 3.27 9.48
C24 6JI B . 3.21 4.69 9.83
C5 6JI B . -1.47 4.51 12.93
C6 6JI B . -0.03 4.12 13.17
C7 6JI B . 0.90 5.32 13.42
C8 6JI B . 2.34 4.85 13.61
C9 6JI B . 2.90 4.29 12.31
N1 UDP C . -6.03 -5.46 2.22
C2 UDP C . -6.50 -6.67 2.26
N3 UDP C . -7.70 -6.95 2.74
C4 UDP C . -8.44 -5.96 3.20
C5 UDP C . -8.00 -4.65 3.19
C6 UDP C . -6.73 -4.41 2.67
O2 UDP C . -5.76 -7.74 1.78
O4 UDP C . -9.70 -6.28 3.71
C1' UDP C . -4.66 -5.22 1.74
C2' UDP C . -4.56 -4.45 0.43
O2' UDP C . -4.61 -5.33 -0.62
C3' UDP C . -3.18 -3.77 0.61
C4' UDP C . -3.04 -3.52 1.90
O4' UDP C . -4.04 -4.52 2.67
O3' UDP C . -2.15 -4.77 0.24
C5' UDP C . -3.44 -2.11 2.29
O5' UDP C . -2.40 -1.31 1.82
PA UDP C . -2.61 0.29 1.48
O1A UDP C . -1.33 0.84 0.90
O2A UDP C . -3.76 0.43 0.53
O3A UDP C . -3.02 1.10 2.82
PB UDP C . -2.43 0.97 4.35
O1B UDP C . -0.92 0.83 4.28
O2B UDP C . -2.77 2.28 4.99
O3B UDP C . -3.05 -0.20 5.05
C TRS D . 1.49 2.91 2.22
C1 TRS D . 2.26 3.55 3.38
C2 TRS D . 2.03 1.53 1.83
C3 TRS D . 1.62 3.82 0.99
N TRS D . 0.13 2.67 2.63
O1 TRS D . 1.87 3.02 4.64
O2 TRS D . 3.44 1.54 1.73
O3 TRS D . 0.40 4.45 0.65
#